data_1Y71
#
_entry.id   1Y71
#
_cell.length_a   27.197
_cell.length_b   99.403
_cell.length_c   101.755
_cell.angle_alpha   90.000
_cell.angle_beta   90.000
_cell.angle_gamma   90.000
#
_symmetry.space_group_name_H-M   'P 21 21 21'
#
loop_
_entity.id
_entity.type
_entity.pdbx_description
1 polymer 'Kinase-associated protein B'
2 water water
#
_entity_poly.entity_id   1
_entity_poly.type   'polypeptide(L)'
_entity_poly.pdbx_seq_one_letter_code
;SNA(MSE)RETFEIGEIVTGIYKTGKYIGEVTNSRPGSYVVKVLAVLKHPVQGDLHNVKQANVPFFHERRALAFREQTNI
PEQ(MSE)VKKYEGEIPDYTESLKLALETQ(MSE)NSFSEDDSPFAERSLETLQQLKKDYKL
;
_entity_poly.pdbx_strand_id   A,B
#
# COMPACT_ATOMS: atom_id res chain seq x y z
N THR A 7 11.07 -5.86 20.01
CA THR A 7 11.55 -6.76 18.91
C THR A 7 10.44 -7.08 17.91
N PHE A 8 10.38 -6.30 16.83
CA PHE A 8 9.42 -6.55 15.75
C PHE A 8 9.57 -7.94 15.16
N GLU A 9 8.43 -8.55 14.89
CA GLU A 9 8.34 -9.88 14.34
C GLU A 9 8.40 -9.74 12.82
N ILE A 10 8.83 -10.81 12.16
CA ILE A 10 8.88 -10.88 10.72
C ILE A 10 7.45 -10.67 10.22
N GLY A 11 7.30 -9.78 9.26
CA GLY A 11 5.98 -9.44 8.75
C GLY A 11 5.49 -8.11 9.29
N GLU A 12 6.10 -7.60 10.36
CA GLU A 12 5.65 -6.32 10.91
C GLU A 12 5.73 -5.12 9.92
N ILE A 13 4.69 -4.32 9.87
CA ILE A 13 4.68 -3.11 9.04
C ILE A 13 5.27 -1.98 9.87
N VAL A 14 6.29 -1.33 9.33
CA VAL A 14 7.09 -0.38 10.10
C VAL A 14 7.44 0.84 9.25
N THR A 15 7.89 1.91 9.90
CA THR A 15 8.72 2.91 9.25
C THR A 15 10.18 2.67 9.54
N GLY A 16 11.03 3.03 8.56
CA GLY A 16 12.48 3.02 8.76
C GLY A 16 13.08 4.30 8.18
N ILE A 17 14.04 4.85 8.91
CA ILE A 17 14.82 6.00 8.44
C ILE A 17 16.18 5.44 8.02
N TYR A 18 16.59 5.75 6.79
CA TYR A 18 17.80 5.18 6.24
C TYR A 18 18.42 6.21 5.29
N LYS A 19 19.65 6.64 5.60
CA LYS A 19 20.37 7.66 4.80
C LYS A 19 19.52 8.91 4.56
N THR A 20 18.88 9.37 5.63
CA THR A 20 18.05 10.58 5.66
C THR A 20 16.68 10.42 4.99
N GLY A 21 16.44 9.31 4.30
CA GLY A 21 15.10 9.07 3.72
C GLY A 21 14.26 8.33 4.73
N LYS A 22 12.94 8.38 4.58
CA LYS A 22 12.04 7.68 5.51
C LYS A 22 11.04 6.89 4.67
N TYR A 23 10.83 5.63 5.04
CA TYR A 23 10.12 4.68 4.20
C TYR A 23 9.13 3.95 5.05
N ILE A 24 8.09 3.43 4.40
CA ILE A 24 7.22 2.47 5.01
C ILE A 24 7.63 1.14 4.42
N GLY A 25 7.70 0.12 5.28
CA GLY A 25 8.09 -1.22 4.84
C GLY A 25 7.65 -2.32 5.77
N GLU A 26 8.26 -3.50 5.57
CA GLU A 26 7.90 -4.71 6.24
C GLU A 26 9.18 -5.41 6.70
N VAL A 27 9.25 -5.76 7.98
CA VAL A 27 10.37 -6.50 8.56
C VAL A 27 10.40 -7.90 7.92
N THR A 28 11.54 -8.25 7.34
CA THR A 28 11.69 -9.58 6.72
C THR A 28 12.74 -10.43 7.42
N ASN A 29 13.59 -9.74 8.19
CA ASN A 29 14.60 -10.39 9.01
C ASN A 29 15.01 -9.52 10.21
N SER A 30 15.61 -10.17 11.20
CA SER A 30 15.95 -9.52 12.45
C SER A 30 17.28 -10.08 12.97
N ARG A 31 18.12 -9.18 13.45
CA ARG A 31 19.38 -9.55 14.13
C ARG A 31 19.67 -8.50 15.20
N PRO A 32 20.52 -8.82 16.22
CA PRO A 32 20.86 -7.83 17.23
C PRO A 32 21.13 -6.42 16.67
N GLY A 33 20.38 -5.45 17.17
CA GLY A 33 20.58 -4.04 16.79
C GLY A 33 20.15 -3.60 15.40
N SER A 34 19.43 -4.47 14.67
CA SER A 34 19.10 -4.18 13.27
C SER A 34 17.88 -4.94 12.75
N TYR A 35 17.23 -4.38 11.73
CA TYR A 35 16.19 -5.10 10.97
C TYR A 35 16.43 -4.99 9.47
N VAL A 36 16.19 -6.08 8.76
CA VAL A 36 16.05 -6.02 7.31
C VAL A 36 14.63 -5.61 7.00
N VAL A 37 14.51 -4.50 6.24
CA VAL A 37 13.22 -3.96 5.91
C VAL A 37 13.06 -3.96 4.42
N LYS A 38 11.92 -4.50 4.01
CA LYS A 38 11.50 -4.47 2.61
C LYS A 38 10.64 -3.24 2.37
N VAL A 39 11.09 -2.38 1.47
CA VAL A 39 10.44 -1.09 1.19
C VAL A 39 9.16 -1.21 0.40
N LEU A 40 8.11 -0.60 0.94
CA LEU A 40 6.79 -0.58 0.29
C LEU A 40 6.33 0.84 -0.17
N ALA A 41 6.82 1.90 0.47
CA ALA A 41 6.44 3.28 0.12
C ALA A 41 7.45 4.26 0.69
N VAL A 42 7.49 5.47 0.11
CA VAL A 42 8.45 6.53 0.53
C VAL A 42 7.65 7.60 1.30
N LEU A 43 8.09 7.93 2.52
CA LEU A 43 7.50 9.03 3.29
C LEU A 43 8.28 10.33 3.12
N LYS A 44 9.59 10.20 3.04
CA LYS A 44 10.46 11.36 2.91
C LYS A 44 11.58 10.96 1.96
N HIS A 45 11.76 11.74 0.90
CA HIS A 45 12.87 11.54 -0.04
C HIS A 45 14.19 11.96 0.63
N PRO A 46 15.27 11.17 0.46
CA PRO A 46 16.49 11.56 1.15
C PRO A 46 17.02 12.94 0.71
N VAL A 47 17.76 13.56 1.61
CA VAL A 47 18.49 14.83 1.39
C VAL A 47 19.61 14.62 0.38
N GLN A 48 19.93 15.68 -0.38
CA GLN A 48 20.98 15.62 -1.41
C GLN A 48 22.35 16.17 -0.95
N GLU A 64 21.97 12.03 -7.34
CA GLU A 64 23.09 11.78 -6.41
C GLU A 64 22.68 10.75 -5.35
N ARG A 65 21.68 11.11 -4.53
CA ARG A 65 21.16 10.27 -3.44
C ARG A 65 19.72 9.82 -3.76
N ARG A 66 19.59 8.58 -4.25
CA ARG A 66 18.33 8.06 -4.74
C ARG A 66 17.55 7.41 -3.59
N ALA A 67 16.23 7.55 -3.64
CA ALA A 67 15.34 6.86 -2.73
C ALA A 67 15.55 5.36 -2.88
N LEU A 68 15.38 4.61 -1.78
CA LEU A 68 15.29 3.12 -1.86
C LEU A 68 14.18 2.67 -2.84
N ALA A 69 14.46 1.59 -3.58
CA ALA A 69 13.52 1.11 -4.61
C ALA A 69 12.36 0.31 -4.00
N PHE A 70 11.27 0.24 -4.73
CA PHE A 70 10.13 -0.55 -4.29
C PHE A 70 10.59 -1.99 -4.18
N ARG A 71 10.31 -2.60 -3.01
CA ARG A 71 10.66 -3.99 -2.72
C ARG A 71 12.14 -4.14 -2.42
N GLU A 72 12.90 -3.05 -2.38
CA GLU A 72 14.30 -3.14 -2.00
C GLU A 72 14.39 -3.51 -0.52
N GLN A 73 15.31 -4.42 -0.20
CA GLN A 73 15.47 -4.85 1.18
C GLN A 73 16.74 -4.24 1.77
N THR A 74 16.55 -3.58 2.91
CA THR A 74 17.59 -2.76 3.53
C THR A 74 17.77 -3.08 5.00
N ASN A 75 19.02 -3.14 5.43
CA ASN A 75 19.34 -3.26 6.82
C ASN A 75 19.31 -1.90 7.52
N ILE A 76 18.45 -1.79 8.53
CA ILE A 76 18.20 -0.51 9.18
C ILE A 76 18.43 -0.69 10.69
N PRO A 77 19.23 0.22 11.31
CA PRO A 77 19.45 0.16 12.77
C PRO A 77 18.12 0.17 13.51
N GLU A 78 17.99 -0.72 14.47
CA GLU A 78 16.80 -0.90 15.30
C GLU A 78 16.21 0.39 15.89
N GLN A 79 17.08 1.35 16.26
CA GLN A 79 16.63 2.66 16.79
C GLN A 79 15.80 3.46 15.77
N MSE A 80 16.08 3.24 14.49
CA MSE A 80 15.46 4.01 13.38
C MSE A 80 14.25 3.28 12.79
O MSE A 80 13.68 3.72 11.79
CB MSE A 80 16.48 4.28 12.28
CG MSE A 80 17.79 4.94 12.80
SE MSE A 80 17.36 6.59 13.78
CE MSE A 80 17.56 7.86 12.35
N VAL A 81 13.86 2.18 13.43
CA VAL A 81 12.69 1.41 12.99
C VAL A 81 11.52 1.53 13.99
N LYS A 82 10.33 1.86 13.50
CA LYS A 82 9.16 2.03 14.35
C LYS A 82 7.92 1.31 13.79
N LYS A 83 7.12 0.70 14.65
CA LYS A 83 5.85 0.15 14.21
C LYS A 83 5.07 1.22 13.45
N TYR A 84 4.44 0.84 12.33
CA TYR A 84 3.64 1.79 11.54
C TYR A 84 2.21 1.29 11.41
N GLU A 85 1.24 2.13 11.74
CA GLU A 85 -0.11 1.62 11.67
C GLU A 85 -1.01 2.29 10.67
N GLY A 86 -0.49 3.19 9.84
CA GLY A 86 -1.32 3.84 8.84
C GLY A 86 -1.49 2.99 7.58
N GLU A 87 -2.17 3.57 6.59
CA GLU A 87 -2.34 2.89 5.33
C GLU A 87 -1.01 2.88 4.58
N ILE A 88 -0.82 1.87 3.75
CA ILE A 88 0.38 1.85 2.90
C ILE A 88 0.07 2.56 1.57
N PRO A 89 0.72 3.71 1.30
CA PRO A 89 0.40 4.39 0.06
C PRO A 89 1.02 3.66 -1.12
N ASP A 90 0.50 3.91 -2.32
CA ASP A 90 1.16 3.37 -3.49
C ASP A 90 2.61 3.89 -3.64
N TYR A 91 3.55 2.97 -3.88
CA TYR A 91 4.95 3.35 -3.91
C TYR A 91 5.22 4.53 -4.86
N THR A 92 4.79 4.41 -6.11
CA THR A 92 5.14 5.46 -7.08
C THR A 92 4.46 6.80 -6.73
N GLU A 93 3.18 6.75 -6.36
CA GLU A 93 2.48 7.95 -5.86
C GLU A 93 3.23 8.60 -4.66
N SER A 94 3.70 7.76 -3.72
CA SER A 94 4.39 8.23 -2.52
C SER A 94 5.75 8.85 -2.86
N LEU A 95 6.47 8.25 -3.82
CA LEU A 95 7.74 8.83 -4.30
C LEU A 95 7.52 10.17 -4.98
N LYS A 96 6.50 10.25 -5.84
CA LYS A 96 6.18 11.50 -6.53
C LYS A 96 5.88 12.61 -5.48
N LEU A 97 5.03 12.28 -4.52
CA LEU A 97 4.72 13.22 -3.43
C LEU A 97 5.96 13.64 -2.62
N ALA A 98 6.76 12.67 -2.23
CA ALA A 98 7.91 12.94 -1.38
C ALA A 98 8.93 13.86 -2.10
N LEU A 99 9.13 13.59 -3.38
CA LEU A 99 9.98 14.45 -4.22
C LEU A 99 9.43 15.87 -4.35
N GLU A 100 8.13 16.01 -4.66
CA GLU A 100 7.46 17.32 -4.71
C GLU A 100 7.60 18.12 -3.39
N THR A 101 7.37 17.44 -2.28
CA THR A 101 7.47 18.04 -0.96
C THR A 101 8.86 18.59 -0.73
N GLN A 102 9.88 17.80 -1.05
CA GLN A 102 11.26 18.22 -0.86
C GLN A 102 11.62 19.41 -1.76
N MSE A 103 11.20 19.37 -3.03
CA MSE A 103 11.44 20.50 -3.92
C MSE A 103 10.75 21.77 -3.46
O MSE A 103 11.36 22.85 -3.52
CB MSE A 103 11.07 20.18 -5.37
CG MSE A 103 11.91 19.07 -5.95
SE MSE A 103 11.49 18.69 -7.84
CE MSE A 103 9.64 18.42 -7.71
N ASN A 104 9.50 21.64 -3.02
CA ASN A 104 8.74 22.77 -2.49
C ASN A 104 9.31 23.38 -1.23
N SER A 105 10.07 22.57 -0.48
CA SER A 105 10.69 23.03 0.75
C SER A 105 11.71 24.13 0.52
N PHE A 106 12.19 24.28 -0.74
CA PHE A 106 13.20 25.27 -1.09
C PHE A 106 12.61 26.59 -1.55
N SER A 107 11.30 26.74 -1.40
CA SER A 107 10.62 27.99 -1.73
C SER A 107 11.28 29.14 -0.93
N GLU A 108 11.48 30.28 -1.57
CA GLU A 108 12.16 31.44 -0.95
C GLU A 108 13.63 31.24 -0.55
N ASP A 109 14.18 30.05 -0.80
CA ASP A 109 15.55 29.75 -0.43
C ASP A 109 16.46 30.01 -1.63
N ASP A 110 17.24 31.09 -1.53
CA ASP A 110 18.14 31.51 -2.61
C ASP A 110 19.60 31.04 -2.41
N SER A 111 19.80 30.05 -1.54
CA SER A 111 21.15 29.60 -1.19
C SER A 111 21.74 28.69 -2.29
N PRO A 112 23.08 28.60 -2.37
CA PRO A 112 23.62 27.62 -3.30
C PRO A 112 23.18 26.18 -3.00
N PHE A 113 23.03 25.81 -1.72
CA PHE A 113 22.58 24.44 -1.36
C PHE A 113 21.21 24.12 -1.92
N ALA A 114 20.26 25.04 -1.75
CA ALA A 114 18.95 24.97 -2.39
C ALA A 114 19.08 24.77 -3.91
N GLU A 115 19.94 25.57 -4.53
CA GLU A 115 20.07 25.51 -5.98
C GLU A 115 20.55 24.13 -6.43
N ARG A 116 21.60 23.66 -5.77
CA ARG A 116 22.21 22.37 -6.12
C ARG A 116 21.24 21.21 -5.87
N SER A 117 20.58 21.25 -4.72
CA SER A 117 19.58 20.24 -4.38
C SER A 117 18.47 20.23 -5.42
N LEU A 118 17.96 21.41 -5.79
CA LEU A 118 16.83 21.49 -6.70
C LEU A 118 17.22 20.93 -8.06
N GLU A 119 18.43 21.21 -8.52
CA GLU A 119 18.93 20.68 -9.79
C GLU A 119 18.96 19.14 -9.75
N THR A 120 19.58 18.62 -8.68
CA THR A 120 19.70 17.20 -8.48
C THR A 120 18.35 16.48 -8.40
N LEU A 121 17.40 17.09 -7.68
CA LEU A 121 16.05 16.53 -7.53
C LEU A 121 15.30 16.53 -8.87
N GLN A 122 15.50 17.59 -9.64
CA GLN A 122 14.84 17.72 -10.94
C GLN A 122 15.34 16.62 -11.87
N GLN A 123 16.62 16.29 -11.77
CA GLN A 123 17.19 15.19 -12.53
C GLN A 123 16.62 13.85 -12.05
N LEU A 124 16.70 13.63 -10.73
CA LEU A 124 16.10 12.47 -10.09
C LEU A 124 14.67 12.22 -10.56
N LYS A 125 13.90 13.28 -10.72
CA LYS A 125 12.51 13.12 -11.14
C LYS A 125 12.46 12.43 -12.51
N LYS A 126 13.38 12.82 -13.40
CA LYS A 126 13.58 12.18 -14.71
C LYS A 126 14.13 10.75 -14.63
N ASP A 127 15.12 10.51 -13.76
CA ASP A 127 15.65 9.15 -13.52
C ASP A 127 14.57 8.19 -13.03
N TYR A 128 13.67 8.70 -12.19
CA TYR A 128 12.61 7.89 -11.63
C TYR A 128 11.52 7.67 -12.66
N LYS A 129 11.63 8.39 -13.76
CA LYS A 129 10.61 8.38 -14.82
C LYS A 129 9.31 8.94 -14.26
N LEU A 130 9.49 9.98 -13.42
CA LEU A 130 8.45 10.64 -12.65
C LEU A 130 7.84 9.72 -11.57
N THR B 7 2.51 -22.70 -1.75
CA THR B 7 2.84 -22.35 -0.31
C THR B 7 3.26 -20.87 -0.12
N PHE B 8 2.87 -20.27 1.00
CA PHE B 8 3.14 -18.85 1.25
C PHE B 8 3.70 -18.66 2.65
N GLU B 9 4.75 -17.85 2.78
CA GLU B 9 5.33 -17.59 4.11
C GLU B 9 4.74 -16.35 4.78
N ILE B 10 4.84 -16.32 6.11
CA ILE B 10 4.44 -15.18 6.91
C ILE B 10 5.20 -13.94 6.44
N GLY B 11 4.44 -12.88 6.21
CA GLY B 11 5.01 -11.64 5.70
C GLY B 11 4.82 -11.54 4.20
N GLU B 12 4.48 -12.65 3.56
CA GLU B 12 4.34 -12.63 2.10
C GLU B 12 3.17 -11.74 1.66
N ILE B 13 3.43 -10.87 0.68
CA ILE B 13 2.38 -10.06 0.04
C ILE B 13 1.64 -10.89 -1.01
N VAL B 14 0.31 -10.91 -0.89
CA VAL B 14 -0.52 -11.80 -1.73
C VAL B 14 -1.82 -11.08 -2.15
N THR B 15 -2.55 -11.65 -3.11
CA THR B 15 -3.92 -11.27 -3.34
C THR B 15 -4.77 -12.39 -2.73
N GLY B 16 -6.00 -12.06 -2.31
CA GLY B 16 -6.93 -13.02 -1.71
C GLY B 16 -8.33 -12.70 -2.19
N ILE B 17 -9.10 -13.75 -2.46
CA ILE B 17 -10.47 -13.62 -2.88
C ILE B 17 -11.30 -14.09 -1.71
N TYR B 18 -12.24 -13.26 -1.28
CA TYR B 18 -13.08 -13.55 -0.12
C TYR B 18 -14.46 -12.98 -0.39
N LYS B 19 -15.46 -13.87 -0.38
CA LYS B 19 -16.87 -13.50 -0.58
C LYS B 19 -17.07 -12.61 -1.78
N THR B 20 -16.41 -13.01 -2.87
CA THR B 20 -16.43 -12.34 -4.20
C THR B 20 -15.62 -11.04 -4.29
N GLY B 21 -15.08 -10.60 -3.16
CA GLY B 21 -14.20 -9.43 -3.15
C GLY B 21 -12.80 -9.94 -3.47
N LYS B 22 -11.94 -9.06 -3.93
CA LYS B 22 -10.53 -9.41 -4.13
C LYS B 22 -9.66 -8.33 -3.51
N TYR B 23 -8.65 -8.76 -2.74
CA TYR B 23 -7.83 -7.89 -1.91
C TYR B 23 -6.34 -8.13 -2.09
N ILE B 24 -5.55 -7.10 -1.83
CA ILE B 24 -4.10 -7.28 -1.60
C ILE B 24 -3.92 -7.30 -0.11
N GLY B 25 -3.10 -8.23 0.36
CA GLY B 25 -2.87 -8.35 1.80
C GLY B 25 -1.56 -8.99 2.16
N GLU B 26 -1.38 -9.24 3.44
CA GLU B 26 -0.16 -9.85 3.92
C GLU B 26 -0.48 -11.15 4.68
N VAL B 27 0.21 -12.24 4.35
CA VAL B 27 0.01 -13.49 5.08
C VAL B 27 0.52 -13.28 6.51
N THR B 28 -0.35 -13.50 7.50
CA THR B 28 0.06 -13.37 8.91
C THR B 28 0.02 -14.70 9.69
N ASN B 29 -0.59 -15.73 9.11
CA ASN B 29 -0.58 -17.06 9.73
C ASN B 29 -1.03 -18.09 8.70
N SER B 30 -0.52 -19.31 8.85
CA SER B 30 -0.93 -20.46 8.05
C SER B 30 -1.66 -21.44 8.94
N ARG B 31 -2.35 -22.36 8.27
CA ARG B 31 -3.08 -23.46 8.89
C ARG B 31 -3.51 -24.31 7.72
N PRO B 32 -3.68 -25.63 7.95
CA PRO B 32 -4.34 -26.58 7.05
C PRO B 32 -5.34 -25.98 6.05
N GLY B 33 -4.87 -25.83 4.81
CA GLY B 33 -5.74 -25.42 3.70
C GLY B 33 -6.10 -23.95 3.58
N SER B 34 -5.53 -23.11 4.44
CA SER B 34 -5.90 -21.70 4.42
C SER B 34 -4.81 -20.79 4.98
N TYR B 35 -4.99 -19.50 4.77
CA TYR B 35 -4.10 -18.48 5.27
C TYR B 35 -4.91 -17.40 5.92
N VAL B 36 -4.39 -16.85 7.02
CA VAL B 36 -4.93 -15.64 7.58
C VAL B 36 -4.23 -14.52 6.79
N VAL B 37 -5.05 -13.63 6.22
CA VAL B 37 -4.55 -12.52 5.39
C VAL B 37 -4.96 -11.20 6.05
N LYS B 38 -3.98 -10.33 6.29
CA LYS B 38 -4.23 -8.98 6.74
C LYS B 38 -4.45 -8.09 5.52
N VAL B 39 -5.64 -7.52 5.44
CA VAL B 39 -6.05 -6.75 4.24
C VAL B 39 -5.30 -5.40 4.20
N LEU B 40 -4.69 -5.12 3.06
CA LEU B 40 -4.01 -3.83 2.86
C LEU B 40 -4.64 -2.92 1.81
N ALA B 41 -5.28 -3.53 0.80
CA ALA B 41 -5.89 -2.79 -0.29
C ALA B 41 -6.99 -3.61 -0.91
N VAL B 42 -7.90 -2.90 -1.60
CA VAL B 42 -9.01 -3.52 -2.33
C VAL B 42 -8.77 -3.48 -3.85
N LEU B 43 -8.84 -4.64 -4.49
CA LEU B 43 -8.78 -4.76 -5.94
C LEU B 43 -10.16 -4.91 -6.59
N LYS B 44 -11.06 -5.62 -5.91
CA LYS B 44 -12.41 -5.79 -6.42
C LYS B 44 -13.38 -5.73 -5.27
N HIS B 45 -14.35 -4.82 -5.39
CA HIS B 45 -15.39 -4.68 -4.37
C HIS B 45 -16.37 -5.83 -4.55
N PRO B 46 -16.82 -6.42 -3.42
CA PRO B 46 -17.68 -7.60 -3.53
C PRO B 46 -19.04 -7.33 -4.17
N VAL B 47 -19.60 -8.39 -4.71
CA VAL B 47 -20.91 -8.37 -5.35
C VAL B 47 -21.95 -8.15 -4.26
N GLN B 48 -23.04 -7.45 -4.59
CA GLN B 48 -24.11 -7.18 -3.64
C GLN B 48 -25.25 -8.19 -3.77
N GLY B 49 -26.07 -8.28 -2.72
CA GLY B 49 -27.29 -9.09 -2.74
C GLY B 49 -27.11 -10.35 -1.92
N PHE B 62 -32.49 -7.99 -0.47
CA PHE B 62 -31.26 -7.46 -1.05
C PHE B 62 -30.52 -6.58 -0.02
N HIS B 63 -29.47 -7.15 0.58
CA HIS B 63 -28.67 -6.43 1.58
C HIS B 63 -27.31 -6.00 1.02
N GLU B 64 -26.69 -5.04 1.69
CA GLU B 64 -25.38 -4.62 1.30
C GLU B 64 -24.31 -5.60 1.76
N ARG B 65 -23.18 -5.56 1.09
CA ARG B 65 -22.04 -6.39 1.43
C ARG B 65 -20.83 -5.47 1.41
N ARG B 66 -20.28 -5.20 2.59
CA ARG B 66 -19.05 -4.36 2.72
C ARG B 66 -17.75 -5.08 2.34
N ALA B 67 -16.80 -4.36 1.74
CA ALA B 67 -15.42 -4.82 1.61
C ALA B 67 -14.80 -5.11 2.96
N LEU B 68 -13.83 -6.02 3.00
CA LEU B 68 -13.03 -6.15 4.20
C LEU B 68 -12.34 -4.80 4.52
N ALA B 69 -12.19 -4.53 5.80
CA ALA B 69 -11.64 -3.25 6.27
C ALA B 69 -10.12 -3.28 6.25
N PHE B 70 -9.50 -2.08 6.31
CA PHE B 70 -8.05 -1.97 6.36
C PHE B 70 -7.48 -2.70 7.57
N ARG B 71 -6.54 -3.60 7.31
CA ARG B 71 -5.92 -4.43 8.35
C ARG B 71 -6.86 -5.46 8.98
N GLU B 72 -8.08 -5.61 8.45
CA GLU B 72 -8.93 -6.73 8.86
C GLU B 72 -8.16 -8.04 8.56
N GLN B 73 -8.21 -9.02 9.45
CA GLN B 73 -7.53 -10.29 9.19
C GLN B 73 -8.63 -11.33 8.98
N THR B 74 -8.54 -12.00 7.85
CA THR B 74 -9.60 -12.94 7.47
C THR B 74 -8.94 -14.22 6.97
N ASN B 75 -9.56 -15.34 7.32
CA ASN B 75 -9.16 -16.65 6.83
C ASN B 75 -9.58 -16.87 5.38
N ILE B 76 -8.61 -17.25 4.55
CA ILE B 76 -8.86 -17.46 3.11
C ILE B 76 -8.31 -18.81 2.68
N PRO B 77 -9.15 -19.61 1.98
CA PRO B 77 -8.68 -20.92 1.53
C PRO B 77 -7.46 -20.73 0.61
N GLU B 78 -6.52 -21.66 0.69
CA GLU B 78 -5.23 -21.53 0.00
C GLU B 78 -5.33 -21.42 -1.54
N GLN B 79 -6.39 -21.95 -2.13
CA GLN B 79 -6.59 -21.94 -3.59
C GLN B 79 -6.91 -20.53 -4.07
N MSE B 80 -7.37 -19.70 -3.14
CA MSE B 80 -7.86 -18.36 -3.47
C MSE B 80 -6.79 -17.32 -3.13
O MSE B 80 -7.06 -16.12 -3.18
CB MSE B 80 -9.17 -18.07 -2.72
CG MSE B 80 -10.23 -19.18 -2.88
SE MSE B 80 -10.64 -19.42 -4.78
CE MSE B 80 -11.96 -18.03 -5.00
N VAL B 81 -5.60 -17.80 -2.72
CA VAL B 81 -4.48 -16.92 -2.38
C VAL B 81 -3.37 -17.02 -3.46
N LYS B 82 -2.86 -15.88 -3.91
CA LYS B 82 -1.79 -15.87 -4.92
C LYS B 82 -0.69 -14.85 -4.55
N LYS B 83 0.59 -15.19 -4.79
CA LYS B 83 1.71 -14.25 -4.59
C LYS B 83 1.45 -12.95 -5.36
N TYR B 84 1.69 -11.80 -4.72
CA TYR B 84 1.50 -10.53 -5.42
C TYR B 84 2.77 -9.67 -5.26
N GLU B 85 3.41 -9.33 -6.38
CA GLU B 85 4.64 -8.54 -6.37
C GLU B 85 4.46 -7.09 -6.86
N GLY B 86 3.21 -6.68 -7.09
CA GLY B 86 2.97 -5.32 -7.60
C GLY B 86 3.06 -4.31 -6.45
N GLU B 87 2.83 -3.03 -6.77
CA GLU B 87 2.78 -1.99 -5.74
C GLU B 87 1.52 -2.15 -4.93
N ILE B 88 1.58 -1.73 -3.68
CA ILE B 88 0.43 -1.80 -2.81
C ILE B 88 -0.25 -0.42 -2.81
N PRO B 89 -1.48 -0.35 -3.31
CA PRO B 89 -2.17 0.92 -3.34
C PRO B 89 -2.61 1.33 -1.95
N ASP B 90 -2.86 2.62 -1.78
CA ASP B 90 -3.47 3.14 -0.56
C ASP B 90 -4.85 2.52 -0.39
N TYR B 91 -5.15 2.03 0.81
CA TYR B 91 -6.35 1.24 1.03
C TYR B 91 -7.55 2.09 0.59
N THR B 92 -7.64 3.30 1.11
CA THR B 92 -8.80 4.16 0.85
C THR B 92 -8.99 4.50 -0.62
N GLU B 93 -7.90 4.90 -1.28
CA GLU B 93 -7.98 5.15 -2.71
C GLU B 93 -8.34 3.87 -3.51
N SER B 94 -7.82 2.73 -3.10
CA SER B 94 -8.12 1.46 -3.79
C SER B 94 -9.62 1.13 -3.66
N LEU B 95 -10.18 1.36 -2.47
CA LEU B 95 -11.61 1.13 -2.22
C LEU B 95 -12.46 2.04 -3.07
N LYS B 96 -12.07 3.32 -3.12
CA LYS B 96 -12.75 4.29 -3.99
C LYS B 96 -12.74 3.81 -5.45
N LEU B 97 -11.57 3.42 -5.92
CA LEU B 97 -11.41 2.88 -7.28
C LEU B 97 -12.22 1.62 -7.54
N ALA B 98 -12.05 0.61 -6.69
CA ALA B 98 -12.78 -0.65 -6.81
C ALA B 98 -14.31 -0.41 -6.92
N LEU B 99 -14.81 0.49 -6.10
CA LEU B 99 -16.21 0.81 -6.08
C LEU B 99 -16.67 1.51 -7.37
N GLU B 100 -15.88 2.47 -7.83
CA GLU B 100 -16.23 3.18 -9.08
C GLU B 100 -16.23 2.20 -10.25
N THR B 101 -15.25 1.29 -10.26
CA THR B 101 -15.18 0.24 -11.28
C THR B 101 -16.42 -0.64 -11.31
N GLN B 102 -16.85 -1.10 -10.15
CA GLN B 102 -18.03 -1.94 -10.05
C GLN B 102 -19.29 -1.19 -10.49
N MSE B 103 -19.42 0.05 -10.04
CA MSE B 103 -20.53 0.89 -10.47
C MSE B 103 -20.57 1.08 -11.96
O MSE B 103 -21.64 0.92 -12.57
CB MSE B 103 -20.55 2.21 -9.72
CG MSE B 103 -20.93 2.04 -8.27
SE MSE B 103 -21.12 3.72 -7.28
CE MSE B 103 -19.33 4.36 -7.30
N ASN B 104 -19.43 1.41 -12.56
CA ASN B 104 -19.31 1.55 -14.01
C ASN B 104 -19.58 0.26 -14.79
N SER B 105 -19.34 -0.88 -14.15
CA SER B 105 -19.56 -2.16 -14.78
C SER B 105 -21.02 -2.38 -15.20
N PHE B 106 -21.94 -1.62 -14.60
CA PHE B 106 -23.36 -1.75 -14.89
C PHE B 106 -23.84 -0.81 -16.00
N SER B 107 -22.94 -0.02 -16.58
CA SER B 107 -23.31 1.02 -17.53
C SER B 107 -24.24 0.63 -18.67
N GLU B 108 -24.15 -0.61 -19.15
CA GLU B 108 -24.96 -1.07 -20.28
C GLU B 108 -25.94 -2.15 -19.80
N ASP B 109 -26.18 -2.19 -18.49
CA ASP B 109 -26.98 -3.24 -17.86
C ASP B 109 -28.36 -2.72 -17.40
N ASP B 110 -29.41 -3.09 -18.14
CA ASP B 110 -30.77 -2.66 -17.80
C ASP B 110 -31.58 -3.62 -16.92
N SER B 111 -30.90 -4.59 -16.29
CA SER B 111 -31.56 -5.56 -15.38
C SER B 111 -32.00 -4.96 -14.05
N PRO B 112 -33.03 -5.55 -13.40
CA PRO B 112 -33.33 -5.26 -11.99
C PRO B 112 -32.14 -5.46 -11.02
N PHE B 113 -31.26 -6.42 -11.31
CA PHE B 113 -30.12 -6.73 -10.42
C PHE B 113 -29.13 -5.56 -10.44
N ALA B 114 -28.83 -5.08 -11.64
CA ALA B 114 -28.01 -3.87 -11.82
C ALA B 114 -28.61 -2.67 -11.09
N GLU B 115 -29.93 -2.43 -11.24
CA GLU B 115 -30.59 -1.29 -10.58
C GLU B 115 -30.37 -1.32 -9.07
N ARG B 116 -30.68 -2.47 -8.50
CA ARG B 116 -30.65 -2.70 -7.08
C ARG B 116 -29.20 -2.62 -6.57
N SER B 117 -28.26 -3.21 -7.32
CA SER B 117 -26.83 -3.14 -6.99
C SER B 117 -26.31 -1.71 -7.00
N LEU B 118 -26.63 -0.94 -8.05
CA LEU B 118 -26.15 0.43 -8.17
C LEU B 118 -26.63 1.29 -6.98
N GLU B 119 -27.90 1.14 -6.61
CA GLU B 119 -28.47 1.79 -5.41
C GLU B 119 -27.62 1.49 -4.17
N THR B 120 -27.41 0.20 -3.99
CA THR B 120 -26.66 -0.32 -2.85
C THR B 120 -25.24 0.23 -2.79
N LEU B 121 -24.53 0.21 -3.90
CA LEU B 121 -23.16 0.74 -3.97
C LEU B 121 -23.10 2.23 -3.74
N GLN B 122 -24.11 2.96 -4.25
CA GLN B 122 -24.15 4.41 -4.04
C GLN B 122 -24.20 4.75 -2.54
N GLN B 123 -25.00 4.01 -1.78
CA GLN B 123 -25.06 4.19 -0.34
C GLN B 123 -23.76 3.78 0.34
N LEU B 124 -23.24 2.61 -0.03
CA LEU B 124 -21.99 2.11 0.54
C LEU B 124 -20.88 3.17 0.42
N LYS B 125 -20.84 3.82 -0.75
CA LYS B 125 -19.91 4.91 -1.02
C LYS B 125 -20.00 6.02 0.04
N LYS B 126 -21.23 6.30 0.48
CA LYS B 126 -21.44 7.32 1.51
C LYS B 126 -21.02 6.78 2.86
N ASP B 127 -21.38 5.52 3.13
CA ASP B 127 -21.05 4.87 4.39
C ASP B 127 -19.53 4.76 4.64
N TYR B 128 -18.79 4.50 3.58
CA TYR B 128 -17.34 4.37 3.65
C TYR B 128 -16.58 5.69 3.87
N LYS B 129 -17.30 6.80 3.70
CA LYS B 129 -16.74 8.17 3.81
C LYS B 129 -16.10 8.68 2.53
N LEU B 130 -16.47 8.09 1.39
CA LEU B 130 -15.86 8.44 0.08
C LEU B 130 -16.77 9.26 -0.85
#